data_3SOK
#
_entry.id   3SOK
#
_cell.length_a   105.729
_cell.length_b   105.729
_cell.length_c   73.848
_cell.angle_alpha   90.00
_cell.angle_beta   90.00
_cell.angle_gamma   90.00
#
_symmetry.space_group_name_H-M   'P 43 21 2'
#
loop_
_entity.id
_entity.type
_entity.pdbx_description
1 polymer 'Fimbrial protein'
2 water water
#
_entity_poly.entity_id   1
_entity_poly.type   'polypeptide(L)'
_entity_poly.pdbx_seq_one_letter_code
;FTLIELMIVVAIIGILAAFAIPAYNDYIARSQAAEGLTLADGLKVRISDHLESGECKGDANPASGSLGNDDKGKYALATI
DGDYNKDAKTADEKNGCKVVITYGQGTAGEKISKLIVGKKLVLDQFVNGSYKYNEGETDLELKFIPNAVKN
;
_entity_poly.pdbx_strand_id   A,B
#
# COMPACT_ATOMS: atom_id res chain seq x y z
N PHE A 1 -29.83 -15.69 -30.13
CA PHE A 1 -30.14 -15.19 -28.80
C PHE A 1 -31.43 -14.37 -28.75
N THR A 2 -32.12 -14.44 -27.63
CA THR A 2 -33.30 -13.63 -27.39
C THR A 2 -32.90 -12.26 -26.82
N LEU A 3 -33.85 -11.35 -26.82
CA LEU A 3 -33.67 -10.03 -26.26
C LEU A 3 -33.36 -10.12 -24.77
N ILE A 4 -34.13 -10.94 -24.05
CA ILE A 4 -33.92 -11.07 -22.62
C ILE A 4 -32.59 -11.74 -22.31
N GLU A 5 -32.20 -12.68 -23.18
CA GLU A 5 -30.91 -13.36 -23.04
C GLU A 5 -29.81 -12.34 -23.20
N LEU A 6 -29.94 -11.52 -24.23
CA LEU A 6 -28.95 -10.50 -24.51
C LEU A 6 -28.91 -9.50 -23.37
N MET A 7 -30.09 -9.10 -22.90
CA MET A 7 -30.17 -8.14 -21.80
C MET A 7 -29.54 -8.72 -20.53
N ILE A 8 -29.79 -9.99 -20.24
CA ILE A 8 -29.20 -10.60 -19.06
C ILE A 8 -27.67 -10.74 -19.21
N VAL A 9 -27.21 -11.11 -20.40
CA VAL A 9 -25.77 -11.24 -20.61
C VAL A 9 -25.07 -9.89 -20.50
N VAL A 10 -25.58 -8.89 -21.22
CA VAL A 10 -25.00 -7.56 -21.17
C VAL A 10 -24.97 -7.04 -19.75
N ALA A 11 -25.97 -7.44 -18.97
CA ALA A 11 -26.03 -7.02 -17.56
C ALA A 11 -24.90 -7.62 -16.74
N ILE A 12 -24.81 -8.94 -16.73
CA ILE A 12 -23.76 -9.63 -15.99
C ILE A 12 -22.36 -9.17 -16.40
N ILE A 13 -22.16 -8.99 -17.70
CA ILE A 13 -20.89 -8.53 -18.22
C ILE A 13 -20.56 -7.12 -17.73
N GLY A 14 -21.58 -6.27 -17.72
CA GLY A 14 -21.41 -4.90 -17.29
C GLY A 14 -21.01 -4.81 -15.83
N ILE A 15 -21.67 -5.59 -15.00
CA ILE A 15 -21.38 -5.68 -13.56
C ILE A 15 -20.00 -6.27 -13.24
N LEU A 16 -19.63 -7.33 -13.96
CA LEU A 16 -18.33 -7.98 -13.75
C LEU A 16 -17.25 -6.97 -14.09
N ALA A 17 -17.51 -6.20 -15.13
CA ALA A 17 -16.59 -5.18 -15.59
C ALA A 17 -16.37 -4.14 -14.50
N ALA A 18 -17.42 -3.84 -13.75
CA ALA A 18 -17.31 -2.77 -12.76
C ALA A 18 -16.11 -3.06 -11.89
N PHE A 19 -15.93 -4.35 -11.58
CA PHE A 19 -14.81 -4.80 -10.76
C PHE A 19 -13.56 -5.08 -11.60
N ALA A 20 -13.76 -5.59 -12.81
CA ALA A 20 -12.62 -6.03 -13.63
C ALA A 20 -11.80 -4.88 -14.24
N ILE A 21 -12.48 -3.89 -14.80
CA ILE A 21 -11.79 -2.78 -15.46
C ILE A 21 -10.85 -2.03 -14.49
N PRO A 22 -11.36 -1.64 -13.32
CA PRO A 22 -10.44 -1.01 -12.35
C PRO A 22 -9.28 -1.93 -11.94
N ALA A 23 -9.48 -3.24 -11.87
CA ALA A 23 -8.36 -4.14 -11.57
C ALA A 23 -7.41 -4.21 -12.77
N TYR A 24 -7.98 -4.16 -13.97
CA TYR A 24 -7.16 -4.19 -15.17
C TYR A 24 -6.34 -2.89 -15.27
N ASN A 25 -6.97 -1.76 -14.96
CA ASN A 25 -6.27 -0.49 -15.02
C ASN A 25 -5.09 -0.44 -14.04
N ASP A 26 -5.31 -0.92 -12.81
CA ASP A 26 -4.28 -0.92 -11.77
C ASP A 26 -3.11 -1.76 -12.20
N TYR A 27 -3.41 -2.85 -12.89
CA TYR A 27 -2.38 -3.78 -13.28
C TYR A 27 -1.54 -3.23 -14.44
N ILE A 28 -2.18 -2.48 -15.34
CA ILE A 28 -1.46 -1.81 -16.43
C ILE A 28 -0.52 -0.78 -15.80
N ALA A 29 -1.06 -0.04 -14.84
CA ALA A 29 -0.31 1.02 -14.20
C ALA A 29 0.87 0.45 -13.42
N ARG A 30 0.66 -0.69 -12.75
CA ARG A 30 1.73 -1.33 -11.99
C ARG A 30 2.82 -1.80 -12.94
N SER A 31 2.38 -2.37 -14.07
CA SER A 31 3.28 -2.90 -15.08
C SER A 31 4.17 -1.79 -15.67
N GLN A 32 3.54 -0.66 -16.00
CA GLN A 32 4.26 0.48 -16.53
C GLN A 32 5.22 1.06 -15.47
N ALA A 33 4.76 1.14 -14.22
CA ALA A 33 5.57 1.71 -13.14
C ALA A 33 6.86 0.91 -12.91
N ALA A 34 6.82 -0.38 -13.22
CA ALA A 34 7.98 -1.26 -13.09
C ALA A 34 9.19 -0.74 -13.90
N GLU A 35 8.94 -0.01 -14.98
CA GLU A 35 10.05 0.49 -15.79
C GLU A 35 10.95 1.37 -14.95
N GLY A 36 10.34 2.08 -14.01
CA GLY A 36 11.10 2.93 -13.10
C GLY A 36 12.24 2.21 -12.40
N LEU A 37 11.96 1.03 -11.87
CA LEU A 37 12.95 0.24 -11.16
C LEU A 37 14.07 -0.24 -12.09
N THR A 38 13.68 -0.69 -13.28
CA THR A 38 14.65 -1.08 -14.32
C THR A 38 15.60 0.07 -14.64
N LEU A 39 15.02 1.23 -14.90
CA LEU A 39 15.81 2.45 -15.11
C LEU A 39 16.78 2.68 -13.93
N ALA A 40 16.24 2.67 -12.70
CA ALA A 40 17.04 2.93 -11.51
C ALA A 40 18.17 1.90 -11.36
N ASP A 41 17.86 0.64 -11.65
CA ASP A 41 18.89 -0.40 -11.57
C ASP A 41 19.99 -0.15 -12.59
N GLY A 42 19.60 0.34 -13.78
CA GLY A 42 20.58 0.69 -14.79
C GLY A 42 21.49 1.84 -14.41
N LEU A 43 21.08 2.65 -13.43
CA LEU A 43 21.86 3.80 -13.03
C LEU A 43 22.87 3.44 -11.94
N LYS A 44 22.79 2.21 -11.43
CA LYS A 44 23.66 1.81 -10.32
C LYS A 44 25.15 2.02 -10.62
N VAL A 45 25.59 1.67 -11.83
CA VAL A 45 27.02 1.84 -12.13
C VAL A 45 27.44 3.31 -12.20
N ARG A 46 26.59 4.18 -12.73
CA ARG A 46 26.91 5.60 -12.78
C ARG A 46 27.06 6.17 -11.38
N ILE A 47 26.23 5.68 -10.48
CA ILE A 47 26.25 6.19 -9.12
C ILE A 47 27.58 5.81 -8.49
N SER A 48 27.92 4.53 -8.62
CA SER A 48 29.21 4.02 -8.19
C SER A 48 30.36 4.87 -8.72
N ASP A 49 30.38 5.12 -10.04
CA ASP A 49 31.45 5.94 -10.63
C ASP A 49 31.46 7.34 -10.05
N HIS A 50 30.28 7.95 -9.97
CA HIS A 50 30.14 9.30 -9.47
C HIS A 50 30.72 9.43 -8.06
N LEU A 51 30.51 8.39 -7.25
CA LEU A 51 30.89 8.43 -5.84
C LEU A 51 32.39 8.36 -5.59
N GLU A 52 33.14 8.00 -6.61
CA GLU A 52 34.59 8.03 -6.54
C GLU A 52 35.10 9.45 -6.35
N SER A 53 34.35 10.42 -6.87
CA SER A 53 34.71 11.83 -6.71
C SER A 53 33.97 12.42 -5.52
N GLY A 54 33.31 11.56 -4.75
CA GLY A 54 32.64 12.00 -3.55
C GLY A 54 31.28 12.65 -3.75
N GLU A 55 30.66 12.44 -4.91
CA GLU A 55 29.33 13.01 -5.18
C GLU A 55 28.38 12.01 -5.86
N CYS A 56 27.09 12.08 -5.51
CA CYS A 56 26.10 11.18 -6.11
C CYS A 56 25.93 11.53 -7.59
N LYS A 57 25.84 12.83 -7.86
CA LYS A 57 25.72 13.32 -9.22
C LYS A 57 27.09 13.43 -9.83
N GLY A 58 27.13 13.39 -11.15
CA GLY A 58 28.36 13.55 -11.89
C GLY A 58 28.06 14.07 -13.28
N ASP A 59 28.86 15.01 -13.73
CA ASP A 59 28.78 15.46 -15.11
C ASP A 59 29.36 14.38 -16.02
N ALA A 60 28.82 14.27 -17.23
CA ALA A 60 29.36 13.38 -18.25
C ALA A 60 30.76 13.86 -18.69
N ASN A 61 31.67 12.92 -18.96
CA ASN A 61 33.04 13.25 -19.35
C ASN A 61 33.46 12.55 -20.65
N PRO A 62 33.61 13.33 -21.73
CA PRO A 62 34.00 12.86 -23.06
C PRO A 62 35.24 11.96 -23.04
N ALA A 63 36.29 12.38 -22.35
CA ALA A 63 37.55 11.63 -22.33
C ALA A 63 37.52 10.40 -21.41
N SER A 64 36.76 10.48 -20.31
CA SER A 64 36.82 9.44 -19.27
C SER A 64 35.82 8.30 -19.42
N GLY A 65 34.94 8.38 -20.42
CA GLY A 65 33.86 7.43 -20.57
C GLY A 65 32.65 7.70 -19.67
N SER A 66 32.89 8.27 -18.50
CA SER A 66 31.85 8.61 -17.51
C SER A 66 30.61 9.28 -18.08
N LEU A 67 29.46 9.07 -17.43
CA LEU A 67 28.18 9.62 -17.91
C LEU A 67 27.48 10.51 -16.88
N GLY A 68 26.35 11.10 -17.26
CA GLY A 68 25.61 12.07 -16.44
C GLY A 68 24.60 11.47 -15.45
N ASN A 69 23.55 12.21 -15.17
CA ASN A 69 22.65 11.84 -14.07
C ASN A 69 21.31 11.19 -14.47
N ASP A 70 21.02 11.20 -15.77
CA ASP A 70 19.69 10.85 -16.31
C ASP A 70 19.67 9.52 -17.04
N ASP A 71 18.52 8.85 -16.98
CA ASP A 71 18.20 7.83 -17.98
C ASP A 71 16.70 7.85 -18.27
N LYS A 72 16.36 7.96 -19.55
CA LYS A 72 14.99 8.18 -19.96
C LYS A 72 14.39 6.93 -20.60
N GLY A 73 13.26 6.48 -20.06
CA GLY A 73 12.60 5.32 -20.62
C GLY A 73 11.30 5.70 -21.29
N LYS A 74 10.40 4.75 -21.46
CA LYS A 74 9.13 5.03 -22.10
C LYS A 74 8.20 5.74 -21.12
N TYR A 75 8.07 5.18 -19.92
CA TYR A 75 7.11 5.68 -18.94
C TYR A 75 7.69 6.67 -17.92
N ALA A 76 9.00 6.83 -17.91
CA ALA A 76 9.59 7.70 -16.92
C ALA A 76 10.98 8.18 -17.31
N LEU A 77 11.41 9.23 -16.62
CA LEU A 77 12.80 9.68 -16.60
C LEU A 77 13.31 9.35 -15.21
N ALA A 78 14.52 8.82 -15.11
CA ALA A 78 15.15 8.55 -13.82
C ALA A 78 16.40 9.40 -13.69
N THR A 79 16.52 10.06 -12.56
CA THR A 79 17.61 10.99 -12.35
C THR A 79 18.31 10.70 -11.06
N ILE A 80 19.63 10.71 -11.09
CA ILE A 80 20.41 10.55 -9.88
C ILE A 80 20.36 11.86 -9.08
N ASP A 81 20.15 11.74 -7.78
CA ASP A 81 20.11 12.92 -6.93
C ASP A 81 20.66 12.57 -5.56
N GLY A 82 20.68 13.57 -4.67
CA GLY A 82 20.99 13.35 -3.27
C GLY A 82 22.30 13.96 -2.82
N ASP A 83 22.50 13.96 -1.51
CA ASP A 83 23.77 14.34 -0.90
C ASP A 83 24.45 13.11 -0.32
N TYR A 84 25.57 12.73 -0.90
CA TYR A 84 26.39 11.65 -0.38
C TYR A 84 26.74 11.80 1.11
N ASN A 85 26.70 10.69 1.85
CA ASN A 85 27.15 10.66 3.24
C ASN A 85 28.43 9.84 3.39
N LYS A 86 29.57 10.51 3.52
CA LYS A 86 30.85 9.82 3.66
C LYS A 86 30.89 8.94 4.91
N ASP A 87 30.23 9.39 5.97
CA ASP A 87 30.26 8.69 7.25
C ASP A 87 29.50 7.37 7.22
N ALA A 88 28.48 7.28 6.37
CA ALA A 88 27.65 6.07 6.28
C ALA A 88 28.45 4.92 5.66
N LYS A 89 28.55 3.80 6.37
CA LYS A 89 29.55 2.77 6.05
C LYS A 89 29.06 1.33 6.27
N THR A 90 27.90 1.18 6.89
CA THR A 90 27.30 -0.15 7.08
C THR A 90 26.17 -0.44 6.08
N ALA A 91 26.13 -1.69 5.65
CA ALA A 91 25.20 -2.16 4.63
C ALA A 91 23.79 -1.56 4.66
N ASP A 92 23.27 -1.18 5.83
CA ASP A 92 21.86 -0.77 5.88
C ASP A 92 21.60 0.68 6.31
N GLU A 93 22.65 1.50 6.33
CA GLU A 93 22.48 2.94 6.30
C GLU A 93 22.32 3.39 4.85
N LYS A 94 21.64 4.52 4.64
CA LYS A 94 21.59 5.14 3.33
C LYS A 94 22.93 5.84 3.02
N ASN A 95 23.45 5.68 1.80
CA ASN A 95 24.64 6.45 1.39
C ASN A 95 24.37 7.95 1.11
N GLY A 96 23.09 8.33 1.14
CA GLY A 96 22.70 9.70 0.84
C GLY A 96 22.25 9.87 -0.60
N CYS A 97 22.55 8.87 -1.44
CA CYS A 97 22.15 8.92 -2.85
C CYS A 97 20.74 8.38 -3.08
N LYS A 98 20.08 8.94 -4.09
CA LYS A 98 18.73 8.54 -4.46
C LYS A 98 18.57 8.57 -5.97
N VAL A 99 17.52 7.91 -6.44
CA VAL A 99 17.13 7.99 -7.83
C VAL A 99 15.70 8.49 -7.86
N VAL A 100 15.48 9.57 -8.60
CA VAL A 100 14.17 10.19 -8.68
C VAL A 100 13.52 9.80 -10.00
N ILE A 101 12.46 9.01 -9.90
CA ILE A 101 11.74 8.52 -11.07
C ILE A 101 10.47 9.34 -11.32
N THR A 102 10.40 10.04 -12.44
CA THR A 102 9.23 10.87 -12.69
C THR A 102 8.42 10.29 -13.84
N TYR A 103 7.22 9.81 -13.55
CA TYR A 103 6.43 9.15 -14.58
C TYR A 103 5.74 10.18 -15.45
N GLY A 104 5.71 9.92 -16.74
CA GLY A 104 5.13 10.86 -17.68
C GLY A 104 6.20 11.73 -18.31
N GLN A 105 7.46 11.56 -17.89
CA GLN A 105 8.57 12.31 -18.47
C GLN A 105 9.44 11.39 -19.32
N GLY A 106 8.90 10.24 -19.67
CA GLY A 106 9.56 9.32 -20.59
C GLY A 106 9.26 9.68 -22.04
N THR A 107 9.63 8.80 -22.96
CA THR A 107 9.34 9.02 -24.38
C THR A 107 7.85 9.04 -24.72
N ALA A 108 7.04 8.26 -23.99
CA ALA A 108 5.60 8.24 -24.25
C ALA A 108 4.90 9.54 -23.79
N GLY A 109 5.64 10.40 -23.08
CA GLY A 109 5.08 11.64 -22.53
C GLY A 109 3.95 11.40 -21.54
N GLU A 110 2.90 12.21 -21.66
CA GLU A 110 1.71 12.04 -20.83
C GLU A 110 0.74 10.96 -21.38
N LYS A 111 1.12 10.36 -22.51
CA LYS A 111 0.33 9.26 -23.10
C LYS A 111 0.66 7.89 -22.48
N ILE A 112 0.34 7.76 -21.20
CA ILE A 112 0.55 6.53 -20.42
C ILE A 112 -0.57 6.43 -19.41
N SER A 113 -0.59 5.37 -18.59
CA SER A 113 -1.63 5.27 -17.57
C SER A 113 -1.76 6.61 -16.86
N LYS A 114 -3.00 7.01 -16.61
CA LYS A 114 -3.22 8.29 -15.93
C LYS A 114 -3.20 8.07 -14.43
N LEU A 115 -3.05 6.82 -13.99
CA LEU A 115 -2.94 6.56 -12.55
C LEU A 115 -1.53 6.90 -12.03
N ILE A 116 -0.56 7.04 -12.95
CA ILE A 116 0.82 7.24 -12.54
C ILE A 116 1.41 8.54 -13.08
N VAL A 117 0.85 9.01 -14.18
CA VAL A 117 1.39 10.18 -14.88
C VAL A 117 1.61 11.35 -13.90
N GLY A 118 2.78 11.97 -13.98
CA GLY A 118 3.14 13.01 -13.02
C GLY A 118 3.42 12.52 -11.60
N LYS A 119 3.50 11.22 -11.41
CA LYS A 119 3.81 10.69 -10.08
C LYS A 119 5.31 10.48 -9.95
N LYS A 120 5.80 10.58 -8.73
CA LYS A 120 7.20 10.36 -8.46
C LYS A 120 7.40 9.15 -7.58
N LEU A 121 8.36 8.31 -7.96
CA LEU A 121 8.87 7.27 -7.08
C LEU A 121 10.34 7.58 -6.78
N VAL A 122 10.62 7.85 -5.53
CA VAL A 122 12.00 8.13 -5.14
C VAL A 122 12.60 6.93 -4.43
N LEU A 123 13.81 6.57 -4.84
CA LEU A 123 14.48 5.40 -4.28
C LEU A 123 15.76 5.79 -3.57
N ASP A 124 15.85 5.47 -2.27
CA ASP A 124 17.05 5.77 -1.48
C ASP A 124 18.04 4.64 -1.71
N GLN A 125 19.29 4.96 -1.98
CA GLN A 125 20.28 3.90 -2.06
C GLN A 125 20.95 3.66 -0.71
N PHE A 126 21.29 2.40 -0.47
CA PHE A 126 22.03 1.99 0.72
C PHE A 126 23.45 1.61 0.32
N VAL A 127 24.30 1.53 1.33
CA VAL A 127 25.73 1.28 1.13
C VAL A 127 26.01 0.03 0.28
N ASN A 128 25.22 -1.03 0.48
CA ASN A 128 25.39 -2.27 -0.26
C ASN A 128 24.89 -2.18 -1.72
N GLY A 129 24.52 -0.98 -2.16
CA GLY A 129 24.05 -0.78 -3.52
C GLY A 129 22.56 -1.01 -3.70
N SER A 130 21.86 -1.19 -2.58
CA SER A 130 20.45 -1.58 -2.63
C SER A 130 19.51 -0.38 -2.63
N TYR A 131 18.32 -0.60 -3.18
CA TYR A 131 17.24 0.39 -3.17
C TYR A 131 16.07 0.00 -2.27
N LYS A 132 15.60 0.95 -1.46
CA LYS A 132 14.26 0.86 -0.87
C LYS A 132 13.60 2.21 -1.10
N TYR A 133 12.29 2.23 -1.33
CA TYR A 133 11.70 3.50 -1.70
C TYR A 133 11.67 4.46 -0.52
N ASN A 134 11.60 5.75 -0.87
CA ASN A 134 11.56 6.83 0.09
C ASN A 134 10.13 7.35 0.18
N GLU A 135 9.45 7.01 1.27
CA GLU A 135 8.11 7.54 1.51
C GLU A 135 8.24 8.98 1.98
N GLY A 136 7.38 9.85 1.48
CA GLY A 136 7.54 11.26 1.76
C GLY A 136 7.98 11.95 0.50
N GLU A 137 8.94 11.35 -0.20
CA GLU A 137 9.33 11.89 -1.50
C GLU A 137 8.54 11.20 -2.62
N THR A 138 7.95 10.05 -2.29
CA THR A 138 7.20 9.26 -3.25
C THR A 138 5.75 9.67 -3.32
N ASP A 139 5.32 10.01 -4.54
CA ASP A 139 3.96 10.40 -4.88
C ASP A 139 3.19 9.16 -5.35
N LEU A 140 3.94 8.16 -5.81
CA LEU A 140 3.38 7.01 -6.49
C LEU A 140 2.59 6.13 -5.51
N GLU A 141 1.41 5.70 -5.94
CA GLU A 141 0.56 4.86 -5.11
C GLU A 141 1.30 3.61 -4.67
N LEU A 142 1.17 3.27 -3.39
CA LEU A 142 1.79 2.05 -2.87
C LEU A 142 1.42 0.83 -3.71
N LYS A 143 0.15 0.78 -4.12
CA LYS A 143 -0.37 -0.23 -5.05
C LYS A 143 0.54 -0.47 -6.24
N PHE A 144 1.19 0.60 -6.71
CA PHE A 144 1.95 0.52 -7.94
C PHE A 144 3.46 0.41 -7.72
N ILE A 145 3.89 0.52 -6.47
CA ILE A 145 5.32 0.41 -6.18
C ILE A 145 5.79 -1.05 -6.23
N PRO A 146 6.87 -1.31 -6.97
CA PRO A 146 7.31 -2.70 -7.07
C PRO A 146 7.78 -3.26 -5.73
N ASN A 147 7.48 -4.53 -5.51
CA ASN A 147 7.68 -5.18 -4.23
C ASN A 147 9.13 -5.21 -3.77
N ALA A 148 10.04 -5.39 -4.72
CA ALA A 148 11.45 -5.50 -4.37
C ALA A 148 11.95 -4.27 -3.63
N VAL A 149 11.22 -3.17 -3.74
CA VAL A 149 11.70 -1.88 -3.27
C VAL A 149 10.95 -1.44 -2.00
N LYS A 150 10.09 -2.34 -1.51
CA LYS A 150 9.30 -2.08 -0.32
C LYS A 150 9.88 -2.80 0.90
N ASN A 151 10.63 -3.87 0.64
CA ASN A 151 11.24 -4.66 1.70
C ASN A 151 10.72 -4.22 3.07
N PHE B 1 -30.92 -19.56 -26.65
CA PHE B 1 -29.50 -19.34 -26.99
C PHE B 1 -28.89 -20.56 -27.70
N THR B 2 -27.85 -20.31 -28.50
CA THR B 2 -27.16 -21.36 -29.23
C THR B 2 -25.90 -21.76 -28.49
N LEU B 3 -25.30 -22.90 -28.87
CA LEU B 3 -24.11 -23.37 -28.19
C LEU B 3 -22.92 -22.43 -28.37
N ILE B 4 -22.75 -21.94 -29.58
CA ILE B 4 -21.62 -21.06 -29.86
C ILE B 4 -21.80 -19.72 -29.13
N GLU B 5 -23.02 -19.25 -28.99
CA GLU B 5 -23.28 -18.08 -28.15
C GLU B 5 -22.87 -18.33 -26.69
N LEU B 6 -23.29 -19.47 -26.13
CA LEU B 6 -22.90 -19.82 -24.77
C LEU B 6 -21.38 -19.83 -24.63
N MET B 7 -20.69 -20.54 -25.51
CA MET B 7 -19.22 -20.59 -25.46
C MET B 7 -18.60 -19.20 -25.46
N ILE B 8 -19.06 -18.34 -26.35
CA ILE B 8 -18.53 -17.00 -26.44
C ILE B 8 -18.84 -16.20 -25.16
N VAL B 9 -20.07 -16.31 -24.66
CA VAL B 9 -20.40 -15.61 -23.42
C VAL B 9 -19.57 -16.15 -22.25
N VAL B 10 -19.42 -17.47 -22.16
CA VAL B 10 -18.61 -18.06 -21.09
C VAL B 10 -17.14 -17.64 -21.16
N ALA B 11 -16.56 -17.61 -22.37
CA ALA B 11 -15.19 -17.12 -22.52
C ALA B 11 -15.06 -15.67 -22.03
N ILE B 12 -16.02 -14.83 -22.40
CA ILE B 12 -15.95 -13.43 -21.98
C ILE B 12 -16.07 -13.30 -20.46
N ILE B 13 -16.98 -14.07 -19.87
CA ILE B 13 -17.16 -14.01 -18.43
C ILE B 13 -15.89 -14.48 -17.69
N GLY B 14 -15.24 -15.53 -18.20
CA GLY B 14 -14.00 -16.04 -17.64
C GLY B 14 -12.88 -15.02 -17.63
N ILE B 15 -12.68 -14.35 -18.76
CA ILE B 15 -11.68 -13.29 -18.80
C ILE B 15 -11.93 -12.18 -17.78
N LEU B 16 -13.15 -11.66 -17.75
CA LEU B 16 -13.51 -10.61 -16.79
C LEU B 16 -13.35 -11.15 -15.38
N ALA B 17 -13.83 -12.39 -15.18
CA ALA B 17 -13.73 -13.01 -13.85
C ALA B 17 -12.30 -13.05 -13.31
N ALA B 18 -11.34 -13.24 -14.20
CA ALA B 18 -9.94 -13.37 -13.81
C ALA B 18 -9.47 -12.07 -13.15
N PHE B 19 -10.05 -10.96 -13.56
CA PHE B 19 -9.78 -9.70 -12.90
C PHE B 19 -10.83 -9.40 -11.82
N ALA B 20 -12.09 -9.73 -12.09
CA ALA B 20 -13.17 -9.25 -11.24
C ALA B 20 -13.22 -9.93 -9.87
N ILE B 21 -12.88 -11.22 -9.84
CA ILE B 21 -13.03 -12.01 -8.61
C ILE B 21 -12.03 -11.62 -7.50
N PRO B 22 -10.73 -11.55 -7.84
CA PRO B 22 -9.78 -11.10 -6.80
C PRO B 22 -10.09 -9.68 -6.33
N ALA B 23 -10.45 -8.80 -7.26
CA ALA B 23 -10.90 -7.46 -6.86
C ALA B 23 -12.13 -7.56 -5.94
N TYR B 24 -13.13 -8.32 -6.34
CA TYR B 24 -14.30 -8.50 -5.49
C TYR B 24 -13.90 -9.09 -4.13
N ASN B 25 -13.01 -10.08 -4.13
CA ASN B 25 -12.57 -10.68 -2.87
C ASN B 25 -11.91 -9.67 -1.94
N ASP B 26 -11.16 -8.74 -2.52
CA ASP B 26 -10.49 -7.70 -1.73
C ASP B 26 -11.47 -6.66 -1.19
N TYR B 27 -12.47 -6.33 -2.01
CA TYR B 27 -13.53 -5.45 -1.58
C TYR B 27 -14.16 -6.04 -0.32
N ILE B 28 -14.66 -7.26 -0.43
CA ILE B 28 -15.30 -7.91 0.72
C ILE B 28 -14.40 -7.87 1.97
N ALA B 29 -13.13 -8.23 1.79
CA ALA B 29 -12.19 -8.31 2.91
C ALA B 29 -12.04 -6.95 3.62
N ARG B 30 -11.86 -5.91 2.82
CA ARG B 30 -11.68 -4.54 3.28
C ARG B 30 -12.99 -4.03 3.92
N SER B 31 -14.13 -4.42 3.37
CA SER B 31 -15.43 -4.08 3.95
C SER B 31 -15.56 -4.62 5.38
N GLN B 32 -15.40 -5.93 5.52
CA GLN B 32 -15.49 -6.57 6.83
C GLN B 32 -14.44 -6.02 7.79
N ALA B 33 -13.21 -5.81 7.31
CA ALA B 33 -12.16 -5.31 8.20
C ALA B 33 -12.50 -3.92 8.74
N ALA B 34 -13.27 -3.14 7.97
CA ALA B 34 -13.62 -1.79 8.41
C ALA B 34 -14.47 -1.83 9.68
N GLU B 35 -15.16 -2.95 9.91
CA GLU B 35 -15.98 -3.10 11.11
C GLU B 35 -15.10 -2.96 12.35
N GLY B 36 -13.87 -3.44 12.25
CA GLY B 36 -12.93 -3.35 13.36
C GLY B 36 -12.84 -1.92 13.83
N LEU B 37 -12.84 -0.99 12.88
CA LEU B 37 -12.70 0.43 13.24
C LEU B 37 -13.97 0.94 13.92
N THR B 38 -15.14 0.54 13.44
CA THR B 38 -16.37 1.01 14.08
C THR B 38 -16.50 0.46 15.50
N LEU B 39 -16.15 -0.81 15.69
CA LEU B 39 -16.10 -1.45 17.01
C LEU B 39 -15.16 -0.67 17.94
N ALA B 40 -13.94 -0.42 17.47
CA ALA B 40 -12.96 0.30 18.29
C ALA B 40 -13.49 1.67 18.67
N ASP B 41 -14.18 2.31 17.73
CA ASP B 41 -14.76 3.62 17.98
C ASP B 41 -15.88 3.53 19.00
N GLY B 42 -16.61 2.42 18.96
CA GLY B 42 -17.67 2.20 19.93
C GLY B 42 -17.14 2.04 21.35
N LEU B 43 -15.83 1.82 21.47
CA LEU B 43 -15.19 1.56 22.77
C LEU B 43 -14.49 2.78 23.39
N LYS B 44 -14.45 3.89 22.67
CA LYS B 44 -13.76 5.07 23.19
C LYS B 44 -14.37 5.57 24.49
N VAL B 45 -15.70 5.62 24.55
CA VAL B 45 -16.42 6.00 25.76
C VAL B 45 -16.01 5.12 26.94
N ARG B 46 -15.99 3.81 26.70
CA ARG B 46 -15.60 2.83 27.70
C ARG B 46 -14.18 3.07 28.21
N ILE B 47 -13.25 3.29 27.29
CA ILE B 47 -11.84 3.48 27.65
C ILE B 47 -11.65 4.70 28.55
N SER B 48 -12.27 5.82 28.18
CA SER B 48 -12.26 7.03 29.00
C SER B 48 -12.84 6.75 30.38
N ASP B 49 -13.93 5.98 30.43
CA ASP B 49 -14.54 5.60 31.70
C ASP B 49 -13.52 4.89 32.57
N HIS B 50 -12.89 3.88 31.99
CA HIS B 50 -11.85 3.10 32.67
C HIS B 50 -10.70 3.99 33.18
N LEU B 51 -10.35 5.02 32.42
CA LEU B 51 -9.22 5.89 32.76
C LEU B 51 -9.52 6.87 33.89
N GLU B 52 -10.77 6.87 34.37
CA GLU B 52 -11.12 7.65 35.54
C GLU B 52 -10.48 6.99 36.76
N SER B 53 -10.22 5.70 36.60
CA SER B 53 -9.49 4.92 37.58
C SER B 53 -8.02 4.88 37.15
N GLY B 54 -7.28 3.87 37.60
CA GLY B 54 -5.88 3.73 37.24
C GLY B 54 -5.54 3.45 35.78
N GLU B 55 -6.16 2.43 35.20
CA GLU B 55 -5.66 1.88 33.94
C GLU B 55 -6.69 1.64 32.81
N CYS B 56 -6.17 1.25 31.65
CA CYS B 56 -6.96 1.08 30.42
C CYS B 56 -8.15 0.14 30.53
N LYS B 57 -7.95 -0.98 31.22
CA LYS B 57 -8.97 -2.00 31.32
C LYS B 57 -9.86 -1.77 32.54
N GLY B 58 -10.95 -2.52 32.63
CA GLY B 58 -11.86 -2.41 33.75
C GLY B 58 -12.61 -3.70 34.04
N GLY B 68 -17.59 -4.48 30.46
CA GLY B 68 -16.29 -5.12 30.49
C GLY B 68 -15.24 -4.45 29.63
N ASN B 69 -14.41 -5.25 28.97
CA ASN B 69 -13.37 -4.73 28.07
C ASN B 69 -13.63 -5.04 26.58
N ASP B 70 -14.71 -5.77 26.31
CA ASP B 70 -15.01 -6.25 24.96
C ASP B 70 -16.18 -5.52 24.31
N ASP B 71 -16.20 -5.54 22.99
CA ASP B 71 -17.42 -5.30 22.22
C ASP B 71 -17.39 -6.27 21.05
N LYS B 72 -18.46 -7.02 20.88
CA LYS B 72 -18.48 -8.04 19.85
C LYS B 72 -19.26 -7.56 18.63
N GLY B 73 -18.67 -7.74 17.46
CA GLY B 73 -19.31 -7.35 16.22
C GLY B 73 -19.76 -8.57 15.46
N LYS B 74 -19.88 -8.44 14.15
CA LYS B 74 -20.25 -9.55 13.30
C LYS B 74 -18.98 -10.21 12.75
N TYR B 75 -18.04 -9.41 12.28
CA TYR B 75 -16.80 -9.95 11.69
C TYR B 75 -15.62 -9.96 12.66
N ALA B 76 -15.85 -9.52 13.89
CA ALA B 76 -14.75 -9.41 14.83
C ALA B 76 -15.16 -9.22 16.29
N LEU B 77 -14.18 -9.45 17.16
CA LEU B 77 -14.26 -9.06 18.56
C LEU B 77 -13.23 -7.96 18.80
N ALA B 78 -13.61 -6.94 19.55
CA ALA B 78 -12.69 -5.87 19.87
C ALA B 78 -12.44 -5.81 21.38
N THR B 79 -11.17 -5.79 21.76
CA THR B 79 -10.82 -5.84 23.18
C THR B 79 -9.87 -4.71 23.58
N ILE B 80 -10.23 -4.02 24.66
CA ILE B 80 -9.34 -3.01 25.23
C ILE B 80 -8.16 -3.70 25.90
N ASP B 81 -6.96 -3.19 25.63
CA ASP B 81 -5.74 -3.65 26.32
C ASP B 81 -4.77 -2.49 26.52
N GLY B 82 -3.56 -2.78 26.97
CA GLY B 82 -2.56 -1.75 27.19
C GLY B 82 -2.35 -1.36 28.64
N ASP B 83 -1.32 -0.56 28.89
CA ASP B 83 -1.01 -0.04 30.23
C ASP B 83 -0.92 1.48 30.20
N TYR B 84 -1.75 2.15 31.00
CA TYR B 84 -1.82 3.62 30.96
C TYR B 84 -0.47 4.33 31.18
N ASN B 85 -0.21 5.38 30.40
CA ASN B 85 0.95 6.25 30.60
C ASN B 85 0.47 7.69 30.82
N LYS B 86 0.33 8.07 32.08
CA LYS B 86 -0.17 9.40 32.46
C LYS B 86 0.82 10.55 32.22
N ASP B 87 1.99 10.24 31.67
CA ASP B 87 2.95 11.25 31.25
C ASP B 87 2.60 11.73 29.84
N ALA B 88 1.54 11.17 29.29
CA ALA B 88 1.05 11.54 27.98
C ALA B 88 0.10 12.72 28.10
N LYS B 89 0.42 13.82 27.41
CA LYS B 89 -0.37 15.04 27.53
C LYS B 89 -0.89 15.58 26.21
N THR B 90 -0.05 15.50 25.17
CA THR B 90 -0.41 16.09 23.87
C THR B 90 -0.96 15.10 22.85
N ALA B 91 -1.80 15.61 21.95
CA ALA B 91 -2.52 14.80 20.97
C ALA B 91 -1.70 13.71 20.26
N ASP B 92 -0.46 14.00 19.87
CA ASP B 92 0.34 13.02 19.10
C ASP B 92 1.20 12.10 19.98
N GLU B 93 0.93 12.13 21.28
CA GLU B 93 1.48 11.14 22.21
C GLU B 93 0.47 10.00 22.38
N LYS B 94 0.96 8.76 22.49
CA LYS B 94 0.09 7.64 22.76
C LYS B 94 -0.32 7.71 24.23
N ASN B 95 -1.59 7.46 24.54
CA ASN B 95 -2.00 7.41 25.94
C ASN B 95 -1.77 6.03 26.55
N GLY B 96 -1.31 5.09 25.73
CA GLY B 96 -0.89 3.78 26.21
C GLY B 96 -1.93 2.70 26.03
N CYS B 97 -3.18 3.11 25.82
CA CYS B 97 -4.26 2.17 25.66
C CYS B 97 -4.31 1.64 24.23
N LYS B 98 -4.63 0.36 24.09
CA LYS B 98 -4.83 -0.24 22.77
C LYS B 98 -6.24 -0.83 22.65
N VAL B 99 -6.68 -1.02 21.41
CA VAL B 99 -7.83 -1.87 21.16
C VAL B 99 -7.36 -3.00 20.24
N VAL B 100 -7.61 -4.24 20.66
CA VAL B 100 -7.21 -5.41 19.88
C VAL B 100 -8.42 -5.94 19.10
N ILE B 101 -8.38 -5.80 17.78
CA ILE B 101 -9.46 -6.30 16.93
C ILE B 101 -9.12 -7.67 16.32
N THR B 102 -9.92 -8.68 16.65
CA THR B 102 -9.64 -10.05 16.19
C THR B 102 -10.73 -10.55 15.21
N TYR B 103 -10.41 -10.57 13.93
CA TYR B 103 -11.40 -10.98 12.94
C TYR B 103 -11.66 -12.49 12.97
N GLY B 104 -12.92 -12.87 12.90
CA GLY B 104 -13.32 -14.26 12.98
C GLY B 104 -13.92 -14.56 14.33
N GLN B 105 -13.82 -13.59 15.23
CA GLN B 105 -14.32 -13.76 16.58
CA GLN B 105 -14.32 -13.75 16.59
C GLN B 105 -15.60 -12.96 16.82
N GLY B 106 -16.22 -12.53 15.72
CA GLY B 106 -17.52 -11.88 15.78
C GLY B 106 -18.59 -12.97 15.82
N THR B 107 -19.84 -12.56 15.67
CA THR B 107 -20.97 -13.49 15.69
C THR B 107 -20.96 -14.41 14.47
N ALA B 108 -20.33 -13.95 13.38
CA ALA B 108 -20.22 -14.76 12.16
C ALA B 108 -19.15 -15.84 12.31
N GLY B 109 -18.37 -15.76 13.38
CA GLY B 109 -17.25 -16.67 13.57
C GLY B 109 -16.33 -16.65 12.36
N GLU B 110 -15.88 -17.82 11.95
CA GLU B 110 -14.94 -17.96 10.85
C GLU B 110 -15.61 -17.87 9.48
N LYS B 111 -16.94 -17.83 9.46
CA LYS B 111 -17.67 -17.77 8.21
C LYS B 111 -17.60 -16.37 7.57
N ILE B 112 -16.37 -15.91 7.35
CA ILE B 112 -16.11 -14.57 6.84
C ILE B 112 -15.02 -14.64 5.76
N SER B 113 -14.63 -13.51 5.20
CA SER B 113 -13.53 -13.47 4.22
C SER B 113 -12.28 -14.17 4.75
N LYS B 114 -11.83 -15.22 4.07
CA LYS B 114 -10.64 -15.95 4.48
C LYS B 114 -9.40 -15.07 4.37
N LEU B 115 -9.55 -13.95 3.66
CA LEU B 115 -8.47 -12.97 3.57
C LEU B 115 -8.16 -12.23 4.88
N ILE B 116 -9.11 -12.20 5.82
CA ILE B 116 -8.88 -11.55 7.11
C ILE B 116 -9.07 -12.47 8.31
N VAL B 117 -9.66 -13.64 8.08
CA VAL B 117 -9.99 -14.54 9.19
C VAL B 117 -8.74 -14.87 10.04
N GLY B 118 -8.87 -14.74 11.35
CA GLY B 118 -7.78 -15.01 12.28
C GLY B 118 -6.76 -13.88 12.37
N LYS B 119 -6.95 -12.83 11.60
CA LYS B 119 -5.97 -11.74 11.58
C LYS B 119 -6.27 -10.72 12.67
N LYS B 120 -5.24 -9.97 13.06
CA LYS B 120 -5.36 -8.97 14.12
C LYS B 120 -5.06 -7.58 13.59
N LEU B 121 -5.95 -6.65 13.89
CA LEU B 121 -5.64 -5.22 13.71
C LEU B 121 -5.55 -4.62 15.10
N VAL B 122 -4.40 -4.02 15.40
CA VAL B 122 -4.20 -3.38 16.70
C VAL B 122 -4.08 -1.87 16.59
N LEU B 123 -4.83 -1.18 17.44
CA LEU B 123 -4.92 0.27 17.39
C LEU B 123 -4.40 0.90 18.68
N ASP B 124 -3.41 1.78 18.54
CA ASP B 124 -2.93 2.59 19.66
C ASP B 124 -3.82 3.81 19.74
N GLN B 125 -4.32 4.10 20.95
CA GLN B 125 -5.05 5.33 21.17
C GLN B 125 -4.11 6.50 21.49
N PHE B 126 -4.49 7.71 21.06
CA PHE B 126 -3.71 8.91 21.39
C PHE B 126 -4.48 9.76 22.39
N VAL B 127 -3.76 10.63 23.09
CA VAL B 127 -4.33 11.37 24.22
C VAL B 127 -5.62 12.09 23.83
N ASN B 128 -5.66 12.65 22.63
CA ASN B 128 -6.88 13.24 22.08
C ASN B 128 -7.97 12.21 21.72
N GLY B 129 -7.72 10.94 22.02
CA GLY B 129 -8.74 9.92 21.82
C GLY B 129 -8.68 9.25 20.46
N SER B 130 -7.71 9.62 19.64
CA SER B 130 -7.66 9.09 18.27
C SER B 130 -6.82 7.83 18.16
N TYR B 131 -7.13 7.04 17.14
CA TYR B 131 -6.50 5.74 16.91
C TYR B 131 -5.58 5.76 15.69
N LYS B 132 -4.41 5.18 15.83
CA LYS B 132 -3.56 4.88 14.68
C LYS B 132 -3.10 3.45 14.83
N TYR B 133 -3.09 2.70 13.73
CA TYR B 133 -2.80 1.27 13.84
C TYR B 133 -1.36 1.01 14.28
N ASN B 134 -1.22 0.04 15.18
CA ASN B 134 0.10 -0.39 15.63
C ASN B 134 0.67 -1.45 14.68
N GLU B 135 1.81 -1.12 14.10
CA GLU B 135 2.39 -1.87 12.98
C GLU B 135 2.99 -3.23 13.36
N GLY B 136 3.78 -3.27 14.42
CA GLY B 136 4.39 -4.52 14.83
C GLY B 136 3.35 -5.54 15.25
N GLU B 137 2.22 -5.05 15.75
CA GLU B 137 1.20 -5.92 16.35
C GLU B 137 0.07 -6.27 15.38
N THR B 138 -0.08 -5.48 14.33
CA THR B 138 -1.14 -5.68 13.35
C THR B 138 -0.82 -6.77 12.33
N ASP B 139 -1.78 -7.66 12.12
CA ASP B 139 -1.65 -8.76 11.18
C ASP B 139 -2.30 -8.47 9.83
N LEU B 140 -3.39 -7.72 9.86
CA LEU B 140 -4.10 -7.33 8.65
C LEU B 140 -3.13 -6.73 7.64
N GLU B 141 -3.25 -7.13 6.38
CA GLU B 141 -2.52 -6.51 5.30
C GLU B 141 -2.90 -5.03 5.19
N LEU B 142 -1.89 -4.21 4.94
CA LEU B 142 -2.08 -2.78 4.71
C LEU B 142 -3.29 -2.53 3.83
N LYS B 143 -3.37 -3.30 2.74
CA LYS B 143 -4.50 -3.31 1.81
C LYS B 143 -5.81 -3.10 2.52
N PHE B 144 -5.98 -3.86 3.59
CA PHE B 144 -7.28 -4.07 4.23
C PHE B 144 -7.47 -3.17 5.43
N ILE B 145 -6.38 -2.51 5.84
CA ILE B 145 -6.42 -1.59 6.97
C ILE B 145 -7.12 -0.29 6.57
N PRO B 146 -8.18 0.09 7.30
CA PRO B 146 -8.91 1.33 6.96
C PRO B 146 -7.99 2.55 6.95
N ASN B 147 -8.16 3.39 5.93
CA ASN B 147 -7.31 4.55 5.69
C ASN B 147 -7.26 5.54 6.85
N ALA B 148 -8.37 5.72 7.54
CA ALA B 148 -8.46 6.65 8.66
C ALA B 148 -7.52 6.22 9.79
N VAL B 149 -7.05 4.98 9.72
CA VAL B 149 -6.15 4.44 10.74
C VAL B 149 -4.71 4.42 10.24
N LYS B 150 -4.45 5.12 9.14
CA LYS B 150 -3.11 5.18 8.56
C LYS B 150 -2.46 6.54 8.82
N ASN B 151 -1.14 6.57 8.74
CA ASN B 151 -0.39 7.81 8.96
C ASN B 151 -1.24 8.85 9.68
#